data_3VTR
#
_entry.id   3VTR
#
_cell.length_a   107.937
_cell.length_b   107.937
_cell.length_c   174.948
_cell.angle_alpha   90.00
_cell.angle_beta   90.00
_cell.angle_gamma   120.00
#
_symmetry.space_group_name_H-M   'P 32 2 1'
#
loop_
_entity.id
_entity.type
_entity.pdbx_description
1 polymer N-acetylglucosaminidase
2 branched 2-deoxy-2-(trimethylammonio)-beta-D-glucopyranose-(1-4)-2-acetamido-2-deoxy-beta-D-glucopyranose-(1-4)-2-acetamido-2-deoxy-beta-D-glucopyranose-(1-4)-2-acetamido-2-deoxy-beta-D-glucopyranose
3 non-polymer 2-acetamido-2-deoxy-beta-D-glucopyranose
4 water water
#
_entity_poly.entity_id   1
_entity_poly.type   'polypeptide(L)'
_entity_poly.pdbx_seq_one_letter_code
;EDVVWRWSCDNGKCVKLKNDPRSSEPALSLEACKMFCNEYGLLWPRPTGEADLGNFLSKINLNSIEVKILKKGATDDLME
AAAKRFKEQVSLAIPRGSTPKLTGKAVDVYLVNENPNEKAFSLEMDESYGLRVSPSGADRVNATITANSFFGMRHGLETL
SQLFVFDDIRDHLLMVRDVNISDKPVYPYRGILLDTARNYYSIESIKRTIEAMAAVKLNTNHWHITDSQSFPFVTTKRPN
LYKFGALSPQKVYTKAAIREVVRFGLERGVRVLPEFDAPAHVGEGWQDTDLTVCFKAEPWKSYCVAPPCGQLNPTKDELY
QYLEDIYSDMAEVFDTTDIFHMGGDEVSEACWNSSDSIQNFMMQNRWDLDKESFLKLWNYFQQKAQDKAYKAFGKKLPLI
LWTSTLTNYKHIDDYLNKDDYIIQVWTTGVDPQIKGLLEKGYRLIMSNYDALYFDCGYGAWVGAGNNWCSPYIGWQKVYD
NSPAVIALEHRDQVLGGEAALWSEQSDTSTLDGRLWPRAAALAERLWAEPATSWQDAEYRMLHIRERFVRMGIQAESLQP
EWCYQNEGYCYS
;
_entity_poly.pdbx_strand_id   A
#
loop_
_chem_comp.id
_chem_comp.type
_chem_comp.name
_chem_comp.formula
NAG D-saccharide, beta linking 2-acetamido-2-deoxy-beta-D-glucopyranose 'C8 H15 N O6'
TMX D-saccharide, beta linking 2-deoxy-2-(trimethylammonio)-beta-D-glucopyranose 'C9 H20 N O5 1'
#
# COMPACT_ATOMS: atom_id res chain seq x y z
N GLU A 1 -7.29 26.70 -28.37
CA GLU A 1 -8.35 26.26 -29.33
C GLU A 1 -9.29 25.21 -28.72
N ASP A 2 -9.97 24.46 -29.58
CA ASP A 2 -10.79 23.33 -29.19
C ASP A 2 -10.32 22.03 -29.85
N VAL A 3 -10.61 20.90 -29.20
CA VAL A 3 -10.15 19.58 -29.65
C VAL A 3 -10.63 19.20 -31.06
N VAL A 4 -9.67 18.77 -31.88
CA VAL A 4 -9.85 18.51 -33.31
C VAL A 4 -10.31 17.10 -33.67
N TRP A 5 -9.98 16.12 -32.82
CA TRP A 5 -10.16 14.72 -33.14
C TRP A 5 -11.40 14.09 -32.51
N ARG A 6 -11.65 12.83 -32.87
CA ARG A 6 -12.70 12.02 -32.26
C ARG A 6 -12.23 10.57 -32.27
N TRP A 7 -12.93 9.71 -31.53
CA TRP A 7 -12.51 8.32 -31.41
C TRP A 7 -13.66 7.33 -31.62
N SER A 8 -13.36 6.24 -32.34
CA SER A 8 -14.35 5.21 -32.63
C SER A 8 -13.84 3.84 -32.20
N CYS A 9 -14.71 3.04 -31.59
CA CYS A 9 -14.33 1.72 -31.09
C CYS A 9 -14.32 0.67 -32.21
N ASP A 10 -13.15 0.06 -32.41
CA ASP A 10 -12.98 -0.97 -33.42
C ASP A 10 -12.16 -2.11 -32.79
N ASN A 11 -12.79 -3.28 -32.67
CA ASN A 11 -12.16 -4.45 -32.06
C ASN A 11 -11.46 -4.19 -30.72
N GLY A 12 -12.18 -3.55 -29.81
CA GLY A 12 -11.65 -3.30 -28.46
C GLY A 12 -10.61 -2.19 -28.36
N LYS A 13 -10.40 -1.46 -29.45
CA LYS A 13 -9.41 -0.38 -29.50
C LYS A 13 -10.07 0.93 -29.93
N CYS A 14 -9.82 2.00 -29.18
CA CYS A 14 -10.33 3.31 -29.57
C CYS A 14 -9.38 3.95 -30.58
N VAL A 15 -9.85 4.05 -31.82
CA VAL A 15 -9.04 4.59 -32.92
C VAL A 15 -9.39 6.04 -33.24
N LYS A 16 -8.36 6.85 -33.48
CA LYS A 16 -8.52 8.28 -33.68
C LYS A 16 -8.85 8.60 -35.13
N LEU A 17 -9.87 9.45 -35.29
CA LEU A 17 -10.36 9.86 -36.59
C LEU A 17 -10.63 11.35 -36.54
N LYS A 18 -10.54 12.01 -37.70
CA LYS A 18 -10.89 13.42 -37.82
C LYS A 18 -12.35 13.60 -37.40
N ASN A 19 -12.63 14.60 -36.56
CA ASN A 19 -14.03 14.94 -36.29
C ASN A 19 -14.56 15.78 -37.44
N ASP A 20 -15.17 15.08 -38.40
CA ASP A 20 -15.59 15.66 -39.65
C ASP A 20 -16.91 16.43 -39.49
N PRO A 21 -16.96 17.68 -39.98
CA PRO A 21 -18.20 18.45 -39.85
C PRO A 21 -19.39 17.82 -40.57
N ARG A 22 -19.16 17.10 -41.66
CA ARG A 22 -20.25 16.51 -42.44
C ARG A 22 -20.49 15.05 -42.04
N SER A 23 -21.13 14.89 -40.88
CA SER A 23 -21.42 13.58 -40.31
C SER A 23 -22.64 13.72 -39.41
N SER A 24 -23.53 12.73 -39.47
CA SER A 24 -24.70 12.71 -38.59
C SER A 24 -24.43 11.86 -37.37
N GLU A 25 -23.22 11.32 -37.28
CA GLU A 25 -22.82 10.51 -36.14
C GLU A 25 -22.13 11.35 -35.06
N PRO A 26 -22.69 11.36 -33.84
CA PRO A 26 -22.10 12.09 -32.72
C PRO A 26 -20.68 11.64 -32.41
N ALA A 27 -19.74 12.58 -32.44
CA ALA A 27 -18.34 12.29 -32.15
C ALA A 27 -18.16 11.85 -30.70
N LEU A 28 -17.21 10.94 -30.47
CA LEU A 28 -16.87 10.53 -29.11
C LEU A 28 -15.54 11.12 -28.69
N SER A 29 -15.49 11.60 -27.46
CA SER A 29 -14.23 12.02 -26.84
C SER A 29 -13.45 10.77 -26.49
N LEU A 30 -12.14 10.92 -26.28
CA LEU A 30 -11.23 9.81 -26.03
C LEU A 30 -11.71 8.85 -24.93
N GLU A 31 -11.89 9.37 -23.72
CA GLU A 31 -12.25 8.55 -22.57
C GLU A 31 -13.71 8.09 -22.58
N ALA A 32 -14.57 8.80 -23.31
CA ALA A 32 -15.94 8.35 -23.53
C ALA A 32 -15.95 7.11 -24.39
N CYS A 33 -15.03 7.06 -25.35
CA CYS A 33 -14.86 5.89 -26.19
C CYS A 33 -14.28 4.75 -25.35
N LYS A 34 -13.27 5.06 -24.54
CA LYS A 34 -12.61 4.08 -23.68
C LYS A 34 -13.55 3.39 -22.70
N MET A 35 -14.47 4.16 -22.12
CA MET A 35 -15.45 3.63 -21.17
C MET A 35 -16.26 2.46 -21.73
N PHE A 36 -16.54 2.44 -23.03
CA PHE A 36 -17.33 1.33 -23.58
C PHE A 36 -16.57 0.41 -24.52
N CYS A 37 -15.39 0.84 -24.95
CA CYS A 37 -14.57 -0.01 -25.80
C CYS A 37 -13.80 -1.03 -24.97
N ASN A 38 -13.35 -0.61 -23.80
CA ASN A 38 -12.62 -1.49 -22.90
C ASN A 38 -13.57 -2.41 -22.17
N GLU A 39 -13.17 -3.68 -22.01
CA GLU A 39 -13.95 -4.69 -21.31
C GLU A 39 -14.46 -4.17 -19.97
N TYR A 40 -13.57 -3.53 -19.21
CA TYR A 40 -13.92 -2.97 -17.90
C TYR A 40 -13.98 -1.44 -17.87
N GLY A 41 -13.95 -0.80 -19.04
CA GLY A 41 -14.06 0.65 -19.12
C GLY A 41 -12.85 1.36 -18.55
N LEU A 42 -13.07 2.34 -17.67
CA LEU A 42 -11.97 3.08 -17.04
C LEU A 42 -11.70 2.64 -15.59
N LEU A 43 -12.36 1.57 -15.17
CA LEU A 43 -12.24 1.10 -13.79
C LEU A 43 -10.87 0.55 -13.46
N TRP A 44 -10.32 1.02 -12.35
CA TRP A 44 -9.16 0.37 -11.74
C TRP A 44 -9.28 0.39 -10.22
N PRO A 45 -9.18 -0.79 -9.58
CA PRO A 45 -9.08 -2.11 -10.20
C PRO A 45 -10.46 -2.53 -10.71
N ARG A 46 -10.49 -3.50 -11.62
CA ARG A 46 -11.76 -4.04 -12.10
C ARG A 46 -12.44 -4.86 -11.00
N PRO A 47 -13.79 -4.83 -10.98
CA PRO A 47 -14.56 -5.62 -10.01
C PRO A 47 -14.39 -7.12 -10.18
N THR A 48 -14.58 -7.86 -9.08
CA THR A 48 -14.48 -9.31 -9.07
C THR A 48 -15.83 -9.97 -9.31
N GLY A 49 -16.90 -9.20 -9.14
CA GLY A 49 -18.26 -9.72 -9.30
C GLY A 49 -18.89 -9.25 -10.60
N GLU A 50 -20.17 -8.90 -10.53
CA GLU A 50 -20.87 -8.32 -11.66
C GLU A 50 -20.23 -6.99 -12.03
N ALA A 51 -19.87 -6.84 -13.30
CA ALA A 51 -19.42 -5.54 -13.81
C ALA A 51 -20.18 -5.19 -15.08
N ASP A 52 -21.32 -4.50 -14.91
CA ASP A 52 -22.16 -4.13 -16.04
C ASP A 52 -22.24 -2.61 -16.16
N LEU A 53 -21.69 -2.10 -17.25
CA LEU A 53 -21.62 -0.65 -17.45
C LEU A 53 -22.68 -0.13 -18.42
N GLY A 54 -23.47 -1.03 -18.99
CA GLY A 54 -24.47 -0.65 -19.99
C GLY A 54 -23.83 -0.02 -21.21
N ASN A 55 -24.62 0.69 -22.02
CA ASN A 55 -24.09 1.26 -23.25
C ASN A 55 -24.02 2.79 -23.31
N PHE A 56 -24.54 3.47 -22.28
CA PHE A 56 -24.75 4.92 -22.38
C PHE A 56 -24.16 5.78 -21.26
N LEU A 57 -24.01 7.06 -21.60
CA LEU A 57 -23.57 8.10 -20.67
C LEU A 57 -24.68 9.14 -20.53
N SER A 58 -24.70 9.82 -19.38
CA SER A 58 -25.65 10.89 -19.15
C SER A 58 -24.94 12.16 -18.70
N LYS A 59 -25.33 13.29 -19.25
CA LYS A 59 -24.75 14.58 -18.86
C LYS A 59 -25.18 14.94 -17.44
N ILE A 60 -24.22 15.41 -16.66
CA ILE A 60 -24.41 15.62 -15.23
C ILE A 60 -24.05 17.05 -14.85
N ASN A 61 -24.86 17.66 -13.99
CA ASN A 61 -24.49 18.94 -13.38
C ASN A 61 -23.61 18.72 -12.14
N LEU A 62 -22.42 19.29 -12.17
CA LEU A 62 -21.41 19.12 -11.12
C LEU A 62 -21.91 19.59 -9.75
N ASN A 63 -22.73 20.64 -9.75
CA ASN A 63 -23.20 21.25 -8.51
C ASN A 63 -24.50 20.66 -7.98
N SER A 64 -25.02 19.67 -8.69
CA SER A 64 -26.24 18.99 -8.29
C SER A 64 -25.96 17.57 -7.76
N ILE A 65 -24.70 17.30 -7.40
CA ILE A 65 -24.36 16.04 -6.75
C ILE A 65 -24.59 16.15 -5.25
N GLU A 66 -25.56 15.40 -4.75
CA GLU A 66 -25.89 15.38 -3.32
C GLU A 66 -25.72 13.98 -2.75
N VAL A 67 -25.20 13.88 -1.54
CA VAL A 67 -25.00 12.59 -0.88
C VAL A 67 -25.90 12.43 0.35
N LYS A 68 -26.60 11.31 0.42
CA LYS A 68 -27.45 10.99 1.57
C LYS A 68 -27.03 9.68 2.20
N ILE A 69 -26.81 9.71 3.52
CA ILE A 69 -26.41 8.55 4.29
C ILE A 69 -27.66 7.96 4.96
N LEU A 70 -28.05 6.76 4.58
CA LEU A 70 -29.35 6.21 4.98
C LEU A 70 -29.39 5.58 6.37
N LYS A 71 -28.28 4.94 6.76
CA LYS A 71 -28.20 4.34 8.09
C LYS A 71 -27.12 5.02 8.93
N LYS A 72 -27.56 5.79 9.93
CA LYS A 72 -26.65 6.48 10.83
C LYS A 72 -26.11 5.57 11.93
N GLY A 73 -24.93 5.89 12.45
CA GLY A 73 -24.25 5.03 13.41
C GLY A 73 -22.97 5.65 13.97
N ALA A 74 -22.05 4.81 14.43
CA ALA A 74 -20.81 5.28 15.04
C ALA A 74 -19.75 5.69 14.02
N THR A 75 -19.93 5.28 12.77
CA THR A 75 -19.02 5.68 11.69
C THR A 75 -19.49 6.96 11.02
N ASP A 76 -20.43 7.66 11.67
CA ASP A 76 -21.06 8.87 11.15
C ASP A 76 -20.07 9.89 10.60
N ASP A 77 -19.11 10.31 11.41
CA ASP A 77 -18.10 11.30 11.02
C ASP A 77 -17.23 10.81 9.85
N LEU A 78 -16.95 9.51 9.81
CA LEU A 78 -16.18 8.92 8.72
C LEU A 78 -16.98 8.94 7.43
N MET A 79 -18.25 8.56 7.52
CA MET A 79 -19.14 8.53 6.36
C MET A 79 -19.39 9.94 5.84
N GLU A 80 -19.55 10.89 6.75
CA GLU A 80 -19.72 12.30 6.40
C GLU A 80 -18.46 12.87 5.76
N ALA A 81 -17.30 12.47 6.27
CA ALA A 81 -16.01 12.86 5.69
C ALA A 81 -15.85 12.32 4.27
N ALA A 82 -16.16 11.03 4.09
CA ALA A 82 -16.03 10.36 2.79
C ALA A 82 -17.02 10.92 1.77
N ALA A 83 -18.20 11.29 2.25
CA ALA A 83 -19.22 11.93 1.43
C ALA A 83 -18.77 13.31 0.97
N LYS A 84 -18.23 14.10 1.90
CA LYS A 84 -17.71 15.42 1.57
C LYS A 84 -16.60 15.33 0.53
N ARG A 85 -15.80 14.26 0.60
CA ARG A 85 -14.69 14.06 -0.33
C ARG A 85 -15.14 13.64 -1.71
N PHE A 86 -16.41 13.27 -1.84
CA PHE A 86 -16.90 12.66 -3.07
C PHE A 86 -16.89 13.63 -4.24
N LYS A 87 -17.39 14.85 -4.01
CA LYS A 87 -17.42 15.91 -5.03
C LYS A 87 -16.02 16.19 -5.57
N GLU A 88 -15.06 16.37 -4.65
CA GLU A 88 -13.67 16.64 -5.02
C GLU A 88 -13.12 15.56 -5.94
N GLN A 89 -13.55 14.31 -5.70
CA GLN A 89 -13.07 13.17 -6.47
C GLN A 89 -13.73 13.07 -7.84
N VAL A 90 -15.03 13.33 -7.89
CA VAL A 90 -15.74 13.41 -9.17
C VAL A 90 -15.06 14.45 -10.05
N SER A 91 -14.64 15.56 -9.44
CA SER A 91 -13.93 16.62 -10.15
C SER A 91 -12.61 16.16 -10.79
N LEU A 92 -12.10 15.00 -10.38
CA LEU A 92 -10.87 14.46 -10.94
C LEU A 92 -11.02 13.94 -12.37
N ALA A 93 -12.27 13.72 -12.79
CA ALA A 93 -12.55 13.35 -14.18
C ALA A 93 -12.20 14.50 -15.13
N ILE A 94 -12.29 15.72 -14.60
CA ILE A 94 -12.08 16.94 -15.36
C ILE A 94 -10.62 17.38 -15.28
N PRO A 95 -9.94 17.48 -16.45
CA PRO A 95 -8.56 17.98 -16.51
C PRO A 95 -8.47 19.43 -16.03
N ARG A 96 -7.37 19.77 -15.35
CA ARG A 96 -7.17 21.12 -14.82
C ARG A 96 -7.10 22.15 -15.94
N GLY A 97 -7.81 23.26 -15.73
CA GLY A 97 -7.92 24.30 -16.76
C GLY A 97 -9.16 24.15 -17.62
N SER A 98 -9.79 22.98 -17.55
CA SER A 98 -11.06 22.73 -18.24
C SER A 98 -12.24 22.95 -17.29
N THR A 99 -13.25 23.67 -17.78
CA THR A 99 -14.44 23.96 -16.99
C THR A 99 -15.66 23.30 -17.63
N PRO A 100 -16.35 22.42 -16.88
CA PRO A 100 -17.55 21.78 -17.39
C PRO A 100 -18.75 22.75 -17.35
N LYS A 101 -19.62 22.65 -18.35
CA LYS A 101 -20.83 23.44 -18.36
C LYS A 101 -21.71 22.95 -17.22
N LEU A 102 -22.29 23.88 -16.47
CA LEU A 102 -23.18 23.49 -15.38
C LEU A 102 -24.60 23.29 -15.89
N THR A 103 -24.86 22.06 -16.35
CA THR A 103 -26.14 21.65 -16.92
C THR A 103 -26.17 20.15 -16.77
N GLY A 104 -27.31 19.54 -17.13
CA GLY A 104 -27.43 18.09 -17.07
C GLY A 104 -28.21 17.67 -15.85
N LYS A 105 -28.20 16.37 -15.59
CA LYS A 105 -29.00 15.77 -14.52
C LYS A 105 -28.41 16.00 -13.13
N ALA A 106 -29.27 15.89 -12.12
CA ALA A 106 -28.86 15.89 -10.72
C ALA A 106 -28.48 14.47 -10.31
N VAL A 107 -27.54 14.36 -9.38
CA VAL A 107 -27.08 13.04 -8.94
C VAL A 107 -27.33 12.83 -7.46
N ASP A 108 -28.15 11.83 -7.15
CA ASP A 108 -28.41 11.44 -5.77
C ASP A 108 -27.60 10.18 -5.45
N VAL A 109 -26.68 10.32 -4.50
CA VAL A 109 -25.90 9.19 -4.02
C VAL A 109 -26.51 8.71 -2.70
N TYR A 110 -26.89 7.44 -2.64
CA TYR A 110 -27.48 6.87 -1.44
C TYR A 110 -26.54 5.85 -0.81
N LEU A 111 -26.04 6.17 0.37
CA LEU A 111 -25.07 5.32 1.06
C LEU A 111 -25.77 4.47 2.11
N VAL A 112 -25.70 3.16 1.92
CA VAL A 112 -26.32 2.21 2.85
C VAL A 112 -25.25 1.35 3.52
N ASN A 113 -24.94 1.71 4.77
CA ASN A 113 -23.98 0.97 5.56
C ASN A 113 -24.72 0.06 6.54
N GLU A 114 -24.68 -1.25 6.28
CA GLU A 114 -25.48 -2.23 6.99
C GLU A 114 -25.07 -2.41 8.46
N ASN A 115 -23.79 -2.17 8.75
CA ASN A 115 -23.28 -2.21 10.12
C ASN A 115 -22.53 -0.92 10.46
N PRO A 116 -23.28 0.18 10.63
CA PRO A 116 -22.79 1.56 10.73
C PRO A 116 -21.93 1.85 11.98
N ASN A 117 -21.82 0.88 12.89
CA ASN A 117 -20.99 1.04 14.08
C ASN A 117 -19.59 0.46 13.95
N GLU A 118 -19.33 -0.26 12.87
CA GLU A 118 -18.06 -0.98 12.72
C GLU A 118 -16.95 -0.09 12.18
N LYS A 119 -15.99 0.27 13.04
CA LYS A 119 -14.85 1.09 12.60
C LYS A 119 -13.47 0.43 12.69
N ALA A 120 -13.41 -0.86 13.03
CA ALA A 120 -12.13 -1.50 13.32
C ALA A 120 -11.48 -2.22 12.13
N PHE A 121 -10.16 -2.08 12.01
CA PHE A 121 -9.40 -2.85 11.03
C PHE A 121 -9.18 -4.26 11.55
N SER A 122 -9.37 -5.25 10.68
CA SER A 122 -9.07 -6.64 10.98
C SER A 122 -8.90 -7.41 9.68
N LEU A 123 -8.21 -8.55 9.73
CA LEU A 123 -8.03 -9.37 8.54
C LEU A 123 -9.34 -9.97 8.04
N GLU A 124 -10.33 -10.03 8.93
CA GLU A 124 -11.64 -10.60 8.62
C GLU A 124 -12.68 -9.54 8.23
N MET A 125 -12.27 -8.27 8.22
CA MET A 125 -13.16 -7.14 7.91
C MET A 125 -13.83 -7.32 6.54
N ASP A 126 -15.09 -6.91 6.44
CA ASP A 126 -15.81 -7.05 5.17
C ASP A 126 -15.71 -5.80 4.30
N GLU A 127 -14.97 -5.93 3.21
CA GLU A 127 -14.70 -4.83 2.30
C GLU A 127 -15.56 -4.89 1.04
N SER A 128 -16.52 -5.83 1.04
CA SER A 128 -17.42 -6.00 -0.09
C SER A 128 -18.36 -4.81 -0.23
N TYR A 129 -18.91 -4.62 -1.43
CA TYR A 129 -19.93 -3.61 -1.67
C TYR A 129 -20.72 -3.96 -2.93
N GLY A 130 -21.82 -3.22 -3.13
CA GLY A 130 -22.61 -3.31 -4.34
C GLY A 130 -22.95 -1.91 -4.79
N LEU A 131 -22.96 -1.70 -6.10
CA LEU A 131 -23.20 -0.39 -6.67
C LEU A 131 -24.20 -0.51 -7.80
N ARG A 132 -25.30 0.24 -7.69
CA ARG A 132 -26.21 0.38 -8.81
C ARG A 132 -26.39 1.86 -9.15
N VAL A 133 -26.35 2.14 -10.45
CA VAL A 133 -26.66 3.47 -10.96
C VAL A 133 -27.82 3.31 -11.94
N SER A 134 -28.73 4.28 -11.96
CA SER A 134 -29.90 4.22 -12.83
C SER A 134 -30.61 5.57 -12.90
N PRO A 135 -31.29 5.85 -14.02
CA PRO A 135 -32.08 7.09 -14.12
C PRO A 135 -33.22 7.12 -13.11
N SER A 136 -33.41 8.27 -12.48
CA SER A 136 -34.47 8.44 -11.51
C SER A 136 -35.37 9.58 -11.95
N GLY A 137 -36.63 9.25 -12.25
CA GLY A 137 -37.56 10.20 -12.86
C GLY A 137 -36.99 10.71 -14.17
N ALA A 138 -36.99 12.02 -14.33
CA ALA A 138 -36.50 12.64 -15.55
C ALA A 138 -35.13 13.29 -15.36
N ASP A 139 -35.06 14.26 -14.45
CA ASP A 139 -33.91 15.15 -14.34
C ASP A 139 -32.80 14.66 -13.41
N ARG A 140 -32.86 13.42 -12.95
CA ARG A 140 -31.83 13.01 -12.00
C ARG A 140 -31.32 11.56 -12.10
N VAL A 141 -30.27 11.28 -11.35
CA VAL A 141 -29.59 9.99 -11.35
C VAL A 141 -29.60 9.40 -9.95
N ASN A 142 -29.90 8.10 -9.88
CA ASN A 142 -29.87 7.36 -8.62
C ASN A 142 -28.63 6.47 -8.53
N ALA A 143 -27.69 6.86 -7.67
CA ALA A 143 -26.52 6.04 -7.37
C ALA A 143 -26.63 5.46 -5.97
N THR A 144 -26.84 4.15 -5.89
CA THR A 144 -27.01 3.46 -4.61
C THR A 144 -25.83 2.53 -4.32
N ILE A 145 -25.12 2.84 -3.25
CA ILE A 145 -24.02 2.02 -2.76
C ILE A 145 -24.47 1.29 -1.49
N THR A 146 -24.35 -0.03 -1.51
CA THR A 146 -24.75 -0.85 -0.37
C THR A 146 -23.60 -1.78 0.04
N ALA A 147 -23.18 -1.67 1.30
CA ALA A 147 -22.05 -2.43 1.82
C ALA A 147 -22.23 -2.86 3.27
N ASN A 148 -21.65 -4.00 3.63
CA ASN A 148 -21.75 -4.52 5.00
C ASN A 148 -21.07 -3.63 6.04
N SER A 149 -20.02 -2.93 5.63
CA SER A 149 -19.26 -2.06 6.53
C SER A 149 -18.91 -0.74 5.86
N PHE A 150 -18.45 0.22 6.67
CA PHE A 150 -17.96 1.49 6.17
C PHE A 150 -16.89 1.33 5.09
N PHE A 151 -15.99 0.37 5.29
CA PHE A 151 -14.85 0.18 4.39
C PHE A 151 -15.26 -0.21 2.98
N GLY A 152 -16.17 -1.18 2.89
CA GLY A 152 -16.80 -1.53 1.62
C GLY A 152 -17.53 -0.34 1.02
N MET A 153 -18.19 0.42 1.88
CA MET A 153 -18.93 1.60 1.45
C MET A 153 -18.01 2.62 0.76
N ARG A 154 -16.85 2.89 1.35
CA ARG A 154 -15.97 3.90 0.75
C ARG A 154 -15.16 3.40 -0.45
N HIS A 155 -14.92 2.09 -0.51
CA HIS A 155 -14.47 1.47 -1.77
C HIS A 155 -15.50 1.72 -2.86
N GLY A 156 -16.78 1.52 -2.52
CA GLY A 156 -17.89 1.79 -3.42
C GLY A 156 -17.93 3.23 -3.91
N LEU A 157 -17.64 4.17 -3.01
CA LEU A 157 -17.53 5.57 -3.40
C LEU A 157 -16.42 5.81 -4.41
N GLU A 158 -15.27 5.15 -4.20
CA GLU A 158 -14.14 5.24 -5.12
C GLU A 158 -14.52 4.77 -6.52
N THR A 159 -15.10 3.56 -6.60
CA THR A 159 -15.57 2.98 -7.86
C THR A 159 -16.58 3.89 -8.55
N LEU A 160 -17.55 4.39 -7.79
CA LEU A 160 -18.57 5.28 -8.34
C LEU A 160 -17.95 6.53 -8.97
N SER A 161 -16.98 7.14 -8.28
CA SER A 161 -16.30 8.31 -8.82
C SER A 161 -15.57 8.00 -10.12
N GLN A 162 -15.18 6.75 -10.32
CA GLN A 162 -14.53 6.35 -11.57
C GLN A 162 -15.52 6.21 -12.75
N LEU A 163 -16.82 6.32 -12.46
CA LEU A 163 -17.85 6.20 -13.50
C LEU A 163 -18.20 7.54 -14.14
N PHE A 164 -17.40 8.56 -13.83
CA PHE A 164 -17.52 9.88 -14.47
C PHE A 164 -16.42 10.08 -15.49
N VAL A 165 -16.81 10.64 -16.63
CA VAL A 165 -15.86 10.99 -17.70
C VAL A 165 -16.13 12.41 -18.13
N PHE A 166 -15.06 13.15 -18.43
CA PHE A 166 -15.22 14.49 -18.96
C PHE A 166 -15.10 14.46 -20.47
N ASP A 167 -16.09 15.06 -21.14
CA ASP A 167 -16.10 15.19 -22.58
C ASP A 167 -15.47 16.54 -22.89
N ASP A 168 -14.22 16.50 -23.35
CA ASP A 168 -13.48 17.72 -23.65
C ASP A 168 -13.82 18.29 -25.03
N ILE A 169 -14.61 17.55 -25.81
CA ILE A 169 -15.12 18.03 -27.09
C ILE A 169 -16.31 18.99 -26.88
N ARG A 170 -17.24 18.62 -25.99
CA ARG A 170 -18.43 19.43 -25.72
C ARG A 170 -18.36 20.21 -24.39
N ASP A 171 -17.29 19.97 -23.62
CA ASP A 171 -17.18 20.45 -22.23
C ASP A 171 -18.35 19.98 -21.36
N HIS A 172 -18.67 18.69 -21.46
CA HIS A 172 -19.74 18.12 -20.65
C HIS A 172 -19.18 17.16 -19.63
N LEU A 173 -19.70 17.22 -18.40
CA LEU A 173 -19.43 16.18 -17.43
C LEU A 173 -20.44 15.05 -17.61
N LEU A 174 -19.93 13.85 -17.83
CA LEU A 174 -20.77 12.69 -18.12
C LEU A 174 -20.61 11.59 -17.07
N MET A 175 -21.65 10.75 -16.96
CA MET A 175 -21.65 9.60 -16.05
C MET A 175 -22.36 8.41 -16.69
N VAL A 176 -21.77 7.22 -16.52
CA VAL A 176 -22.37 5.97 -17.00
C VAL A 176 -23.82 5.85 -16.50
N ARG A 177 -24.73 5.54 -17.42
CA ARG A 177 -26.16 5.63 -17.12
C ARG A 177 -26.72 4.45 -16.33
N ASP A 178 -26.37 3.24 -16.75
CA ASP A 178 -26.95 2.04 -16.16
C ASP A 178 -25.84 1.09 -15.69
N VAL A 179 -25.68 1.02 -14.37
CA VAL A 179 -24.58 0.27 -13.77
C VAL A 179 -25.10 -0.74 -12.76
N ASN A 180 -24.59 -1.96 -12.85
CA ASN A 180 -24.75 -2.95 -11.80
C ASN A 180 -23.41 -3.61 -11.49
N ILE A 181 -22.91 -3.34 -10.27
CA ILE A 181 -21.61 -3.85 -9.85
C ILE A 181 -21.69 -4.49 -8.46
N SER A 182 -21.13 -5.70 -8.34
CA SER A 182 -20.88 -6.32 -7.05
C SER A 182 -19.37 -6.53 -6.96
N ASP A 183 -18.79 -6.23 -5.81
CA ASP A 183 -17.33 -6.29 -5.69
C ASP A 183 -16.85 -6.63 -4.29
N LYS A 184 -15.78 -7.42 -4.22
CA LYS A 184 -15.07 -7.71 -2.97
C LYS A 184 -13.62 -8.08 -3.28
N PRO A 185 -12.67 -7.66 -2.42
CA PRO A 185 -11.26 -7.96 -2.65
C PRO A 185 -10.94 -9.42 -2.42
N VAL A 186 -10.01 -9.96 -3.20
CA VAL A 186 -9.55 -11.33 -3.03
C VAL A 186 -8.67 -11.49 -1.78
N TYR A 187 -7.82 -10.51 -1.51
CA TYR A 187 -6.93 -10.55 -0.35
C TYR A 187 -7.18 -9.43 0.65
N PRO A 188 -7.20 -9.76 1.95
CA PRO A 188 -7.42 -8.80 3.03
C PRO A 188 -6.28 -7.80 3.23
N TYR A 189 -5.06 -8.19 2.87
CA TYR A 189 -3.88 -7.36 3.10
C TYR A 189 -3.30 -6.83 1.79
N ARG A 190 -3.46 -5.54 1.55
CA ARG A 190 -3.00 -4.88 0.33
C ARG A 190 -2.19 -3.66 0.71
N GLY A 191 -0.86 -3.77 0.67
CA GLY A 191 -0.05 -2.73 1.26
C GLY A 191 1.12 -2.16 0.50
N ILE A 192 1.70 -1.13 1.10
CA ILE A 192 2.94 -0.55 0.63
C ILE A 192 3.81 -0.39 1.88
N LEU A 193 5.05 -0.83 1.78
CA LEU A 193 6.03 -0.57 2.83
C LEU A 193 6.77 0.72 2.50
N LEU A 194 6.72 1.66 3.43
CA LEU A 194 7.45 2.92 3.28
C LEU A 194 8.52 3.01 4.35
N ASP A 195 9.77 3.04 3.91
CA ASP A 195 10.93 3.17 4.80
C ASP A 195 11.19 4.67 5.03
N THR A 196 10.89 5.16 6.24
CA THR A 196 11.11 6.58 6.57
C THR A 196 12.34 6.77 7.46
N ALA A 197 13.23 5.77 7.44
CA ALA A 197 14.42 5.76 8.27
C ALA A 197 15.70 5.98 7.47
N ARG A 198 15.79 5.29 6.32
CA ARG A 198 16.95 5.46 5.43
C ARG A 198 16.97 6.86 4.80
N ASN A 199 15.80 7.48 4.71
CA ASN A 199 15.65 8.89 4.36
C ASN A 199 14.31 9.39 4.90
N TYR A 200 14.20 10.70 5.12
CA TYR A 200 12.99 11.28 5.68
C TYR A 200 11.93 11.59 4.63
N TYR A 201 10.66 11.36 4.98
CA TYR A 201 9.52 11.66 4.11
C TYR A 201 8.61 12.66 4.81
N SER A 202 8.35 13.80 4.19
CA SER A 202 7.47 14.80 4.78
C SER A 202 6.12 14.14 5.06
N ILE A 203 5.42 14.59 6.11
CA ILE A 203 4.14 13.96 6.41
C ILE A 203 3.08 14.22 5.33
N GLU A 204 3.18 15.36 4.64
CA GLU A 204 2.27 15.66 3.55
C GLU A 204 2.40 14.62 2.43
N SER A 205 3.64 14.22 2.15
CA SER A 205 3.90 13.20 1.14
C SER A 205 3.36 11.84 1.58
N ILE A 206 3.39 11.57 2.89
CA ILE A 206 2.80 10.35 3.43
C ILE A 206 1.27 10.38 3.27
N LYS A 207 0.64 11.52 3.54
CA LYS A 207 -0.81 11.65 3.34
C LYS A 207 -1.18 11.51 1.87
N ARG A 208 -0.44 12.21 1.01
CA ARG A 208 -0.61 12.15 -0.44
C ARG A 208 -0.54 10.71 -0.94
N THR A 209 0.43 9.96 -0.41
CA THR A 209 0.58 8.53 -0.66
C THR A 209 -0.68 7.75 -0.27
N ILE A 210 -1.20 8.05 0.92
CA ILE A 210 -2.43 7.43 1.41
C ILE A 210 -3.62 7.70 0.48
N GLU A 211 -3.73 8.94 -0.01
CA GLU A 211 -4.75 9.31 -0.99
C GLU A 211 -4.68 8.41 -2.22
N ALA A 212 -3.49 8.34 -2.82
CA ALA A 212 -3.26 7.53 -4.00
C ALA A 212 -3.54 6.05 -3.76
N MET A 213 -3.32 5.60 -2.52
CA MET A 213 -3.63 4.23 -2.12
C MET A 213 -5.14 3.96 -2.10
N ALA A 214 -5.89 4.87 -1.51
CA ALA A 214 -7.36 4.74 -1.43
C ALA A 214 -7.99 4.75 -2.81
N ALA A 215 -7.36 5.49 -3.74
CA ALA A 215 -7.84 5.59 -5.11
C ALA A 215 -7.82 4.24 -5.83
N VAL A 216 -6.88 3.38 -5.46
CA VAL A 216 -6.85 2.02 -6.03
C VAL A 216 -7.14 0.93 -5.00
N LYS A 217 -7.69 1.34 -3.86
CA LYS A 217 -8.21 0.44 -2.82
C LYS A 217 -7.15 -0.38 -2.07
N LEU A 218 -5.91 0.09 -2.07
CA LEU A 218 -4.91 -0.49 -1.18
C LEU A 218 -5.29 -0.09 0.25
N ASN A 219 -5.30 -1.06 1.17
CA ASN A 219 -5.79 -0.82 2.52
C ASN A 219 -4.74 -0.75 3.63
N THR A 220 -3.45 -0.90 3.30
CA THR A 220 -2.41 -0.98 4.34
C THR A 220 -1.12 -0.20 4.06
N ASN A 221 -0.83 0.77 4.93
CA ASN A 221 0.42 1.50 4.91
C ASN A 221 1.35 0.96 6.01
N HIS A 222 2.38 0.24 5.59
CA HIS A 222 3.34 -0.36 6.50
C HIS A 222 4.50 0.62 6.71
N TRP A 223 4.49 1.28 7.86
CA TRP A 223 5.41 2.39 8.13
C TRP A 223 6.66 1.88 8.82
N HIS A 224 7.70 1.61 8.03
CA HIS A 224 8.99 1.17 8.55
C HIS A 224 9.70 2.41 9.08
N ILE A 225 9.46 2.70 10.36
CA ILE A 225 9.75 4.02 10.91
C ILE A 225 11.15 4.19 11.54
N THR A 226 11.84 3.08 11.82
CA THR A 226 13.22 3.15 12.33
C THR A 226 14.14 2.18 11.60
N ASP A 227 15.43 2.54 11.56
CA ASP A 227 16.48 1.64 11.10
C ASP A 227 17.79 2.16 11.70
N SER A 228 18.92 1.64 11.23
CA SER A 228 20.20 2.02 11.81
C SER A 228 20.59 3.46 11.47
N GLN A 229 20.05 3.97 10.36
CA GLN A 229 20.39 5.31 9.88
C GLN A 229 19.73 6.47 10.63
N SER A 230 18.57 6.21 11.25
CA SER A 230 17.85 7.26 12.00
C SER A 230 16.66 6.76 12.82
N PHE A 231 16.23 7.60 13.75
CA PHE A 231 15.11 7.31 14.65
C PHE A 231 14.16 8.51 14.67
N PRO A 232 13.35 8.69 13.60
CA PRO A 232 12.44 9.84 13.55
C PRO A 232 11.20 9.72 14.43
N PHE A 233 10.85 8.49 14.83
CA PHE A 233 9.69 8.29 15.71
C PHE A 233 9.87 9.02 17.05
N VAL A 234 8.92 9.88 17.38
CA VAL A 234 8.98 10.61 18.64
C VAL A 234 8.42 9.76 19.77
N THR A 235 9.33 9.25 20.59
CA THR A 235 8.94 8.47 21.75
C THR A 235 9.07 9.35 22.98
N THR A 236 7.94 9.68 23.59
CA THR A 236 7.91 10.55 24.77
C THR A 236 8.65 9.93 25.95
N LYS A 237 8.54 8.61 26.11
CA LYS A 237 9.19 7.89 27.21
C LYS A 237 10.71 7.76 27.06
N ARG A 238 11.20 7.66 25.82
CA ARG A 238 12.64 7.53 25.59
C ARG A 238 13.14 8.60 24.62
N PRO A 239 13.03 9.89 25.00
CA PRO A 239 13.22 11.02 24.09
C PRO A 239 14.61 11.16 23.52
N ASN A 240 15.61 10.63 24.21
CA ASN A 240 16.98 10.66 23.70
C ASN A 240 17.16 9.84 22.42
N LEU A 241 16.31 8.83 22.24
CA LEU A 241 16.35 8.02 21.02
C LEU A 241 16.08 8.85 19.76
N TYR A 242 15.08 9.73 19.81
CA TYR A 242 14.78 10.57 18.66
C TYR A 242 15.66 11.81 18.57
N LYS A 243 16.01 12.38 19.72
CA LYS A 243 16.88 13.55 19.76
C LYS A 243 18.26 13.25 19.19
N PHE A 244 18.81 12.08 19.52
CA PHE A 244 20.12 11.72 18.98
C PHE A 244 20.02 10.96 17.66
N GLY A 245 18.83 10.42 17.39
CA GLY A 245 18.62 9.55 16.24
C GLY A 245 18.07 10.18 14.98
N ALA A 246 17.44 11.35 15.10
CA ALA A 246 16.88 12.05 13.95
C ALA A 246 17.96 12.68 13.08
N LEU A 247 17.68 12.80 11.78
CA LEU A 247 18.62 13.44 10.85
C LEU A 247 18.72 14.94 11.13
N SER A 248 17.68 15.46 11.76
CA SER A 248 17.61 16.86 12.19
C SER A 248 16.36 16.97 13.06
N PRO A 249 16.25 18.05 13.86
CA PRO A 249 15.05 18.17 14.68
C PRO A 249 13.77 18.36 13.87
N GLN A 250 13.91 18.87 12.65
CA GLN A 250 12.77 19.00 11.73
C GLN A 250 12.27 17.66 11.22
N LYS A 251 13.17 16.69 11.11
CA LYS A 251 12.86 15.41 10.49
C LYS A 251 12.49 14.38 11.54
N VAL A 252 11.21 14.38 11.88
CA VAL A 252 10.73 13.71 13.06
C VAL A 252 9.24 13.46 12.87
N TYR A 253 8.71 12.45 13.54
CA TYR A 253 7.27 12.19 13.49
C TYR A 253 6.68 12.32 14.87
N THR A 254 6.07 13.48 15.13
CA THR A 254 5.47 13.78 16.43
C THR A 254 4.21 12.97 16.63
N LYS A 255 3.77 12.90 17.89
CA LYS A 255 2.51 12.26 18.22
C LYS A 255 1.34 12.87 17.46
N ALA A 256 1.27 14.20 17.40
CA ALA A 256 0.22 14.89 16.66
C ALA A 256 0.27 14.59 15.16
N ALA A 257 1.48 14.52 14.59
CA ALA A 257 1.65 14.21 13.17
C ALA A 257 1.21 12.78 12.86
N ILE A 258 1.66 11.83 13.68
CA ILE A 258 1.31 10.43 13.51
C ILE A 258 -0.20 10.22 13.65
N ARG A 259 -0.81 10.88 14.63
CA ARG A 259 -2.26 10.83 14.80
C ARG A 259 -2.98 11.33 13.55
N GLU A 260 -2.49 12.43 12.99
CA GLU A 260 -3.04 12.98 11.75
C GLU A 260 -3.00 11.96 10.62
N VAL A 261 -1.85 11.31 10.46
CA VAL A 261 -1.68 10.30 9.42
C VAL A 261 -2.60 9.10 9.67
N VAL A 262 -2.69 8.67 10.93
CA VAL A 262 -3.50 7.51 11.29
C VAL A 262 -4.99 7.77 11.02
N ARG A 263 -5.47 8.95 11.40
CA ARG A 263 -6.86 9.34 11.18
C ARG A 263 -7.14 9.51 9.68
N PHE A 264 -6.23 10.21 9.01
CA PHE A 264 -6.28 10.41 7.56
C PHE A 264 -6.40 9.06 6.85
N GLY A 265 -5.68 8.06 7.36
CA GLY A 265 -5.72 6.72 6.81
C GLY A 265 -7.05 6.04 7.07
N LEU A 266 -7.53 6.15 8.30
CA LEU A 266 -8.79 5.53 8.72
C LEU A 266 -9.95 6.00 7.84
N GLU A 267 -10.03 7.32 7.65
CA GLU A 267 -11.03 7.94 6.78
C GLU A 267 -11.03 7.37 5.36
N ARG A 268 -9.85 6.89 4.93
CA ARG A 268 -9.67 6.39 3.56
C ARG A 268 -9.51 4.86 3.47
N GLY A 269 -9.87 4.16 4.54
CA GLY A 269 -9.77 2.70 4.57
C GLY A 269 -8.34 2.19 4.55
N VAL A 270 -7.42 2.97 5.09
CA VAL A 270 -6.01 2.57 5.16
C VAL A 270 -5.55 2.36 6.60
N ARG A 271 -5.27 1.11 6.92
CA ARG A 271 -4.62 0.72 8.16
C ARG A 271 -3.18 1.24 8.12
N VAL A 272 -2.76 1.93 9.18
CA VAL A 272 -1.38 2.39 9.31
C VAL A 272 -0.65 1.46 10.29
N LEU A 273 0.21 0.61 9.73
CA LEU A 273 0.86 -0.46 10.46
C LEU A 273 2.31 -0.10 10.78
N PRO A 274 2.61 0.17 12.06
CA PRO A 274 3.96 0.60 12.44
C PRO A 274 4.92 -0.59 12.54
N GLU A 275 6.18 -0.38 12.17
CA GLU A 275 7.22 -1.40 12.38
C GLU A 275 8.32 -0.88 13.29
N PHE A 276 8.67 -1.68 14.31
CA PHE A 276 9.97 -1.48 14.96
C PHE A 276 10.87 -2.67 14.68
N ASP A 277 11.84 -2.43 13.80
CA ASP A 277 12.73 -3.48 13.34
C ASP A 277 13.77 -3.79 14.41
N ALA A 278 13.80 -5.04 14.87
CA ALA A 278 14.76 -5.48 15.88
C ALA A 278 14.98 -6.97 15.70
N PRO A 279 16.12 -7.52 16.18
CA PRO A 279 17.28 -6.96 16.89
C PRO A 279 18.32 -6.27 16.01
N ALA A 280 18.28 -6.52 14.70
CA ALA A 280 19.17 -5.83 13.78
C ALA A 280 18.55 -4.50 13.36
N HIS A 281 19.24 -3.75 12.50
CA HIS A 281 18.74 -2.48 11.97
C HIS A 281 18.43 -1.45 13.06
N VAL A 282 19.38 -1.31 13.97
CA VAL A 282 19.35 -0.27 15.01
C VAL A 282 20.71 0.43 14.98
N GLY A 283 20.75 1.64 15.52
CA GLY A 283 21.90 2.52 15.18
C GLY A 283 21.74 3.86 15.85
N GLU A 284 21.58 4.91 15.05
CA GLU A 284 21.40 6.27 15.55
C GLU A 284 20.28 6.31 16.59
N GLY A 285 20.54 7.04 17.68
CA GLY A 285 19.59 7.17 18.77
C GLY A 285 20.00 6.39 20.01
N TRP A 286 20.71 5.28 19.80
CA TRP A 286 21.08 4.37 20.88
C TRP A 286 22.48 4.64 21.46
N GLN A 287 23.15 5.67 20.94
CA GLN A 287 24.46 6.08 21.44
C GLN A 287 24.45 6.31 22.95
N ASP A 288 25.47 5.77 23.62
CA ASP A 288 25.64 5.93 25.08
C ASP A 288 24.54 5.31 25.94
N THR A 289 23.77 4.38 25.39
CA THR A 289 22.86 3.59 26.20
C THR A 289 23.55 2.29 26.61
N ASP A 290 24.60 1.95 25.86
CA ASP A 290 25.30 0.67 25.98
C ASP A 290 24.40 -0.53 25.61
N LEU A 291 23.34 -0.25 24.86
CA LEU A 291 22.37 -1.28 24.48
C LEU A 291 22.56 -1.84 23.07
N THR A 292 23.54 -1.29 22.34
CA THR A 292 23.89 -1.82 21.02
C THR A 292 25.33 -2.29 20.92
N VAL A 293 25.59 -3.07 19.87
CA VAL A 293 26.93 -3.48 19.51
C VAL A 293 27.10 -3.27 18.01
N CYS A 294 28.34 -3.03 17.57
CA CYS A 294 28.73 -2.90 16.15
C CYS A 294 28.29 -1.65 15.41
N PHE A 295 27.67 -0.69 16.10
CA PHE A 295 27.24 0.52 15.41
C PHE A 295 28.43 1.18 14.73
N LYS A 296 28.31 1.39 13.42
CA LYS A 296 29.38 1.97 12.60
C LYS A 296 30.64 1.11 12.55
N ALA A 297 30.50 -0.18 12.82
CA ALA A 297 31.64 -1.10 12.79
C ALA A 297 32.30 -1.11 11.42
N GLU A 298 33.61 -0.93 11.40
CA GLU A 298 34.40 -0.96 10.18
C GLU A 298 35.41 -2.12 10.23
N PRO A 299 35.66 -2.79 9.09
CA PRO A 299 34.98 -2.62 7.79
C PRO A 299 33.56 -3.17 7.86
N TRP A 300 32.58 -2.36 7.43
CA TRP A 300 31.18 -2.74 7.56
C TRP A 300 30.86 -4.09 6.91
N LYS A 301 31.55 -4.38 5.80
CA LYS A 301 31.32 -5.59 5.03
C LYS A 301 31.50 -6.86 5.87
N SER A 302 32.30 -6.76 6.92
CA SER A 302 32.57 -7.92 7.77
C SER A 302 31.48 -8.16 8.81
N TYR A 303 30.57 -7.21 8.95
CA TYR A 303 29.59 -7.27 10.02
C TYR A 303 28.15 -7.32 9.52
N CYS A 304 27.72 -6.31 8.78
CA CYS A 304 26.37 -6.30 8.22
C CYS A 304 26.39 -6.25 6.69
N VAL A 305 25.21 -6.31 6.08
CA VAL A 305 25.09 -6.31 4.62
C VAL A 305 24.97 -4.93 4.00
N ALA A 306 24.97 -3.89 4.85
CA ALA A 306 24.91 -2.50 4.41
C ALA A 306 25.17 -1.57 5.58
N PRO A 307 25.95 -0.50 5.34
CA PRO A 307 26.28 0.47 6.38
C PRO A 307 25.12 1.42 6.68
N PRO A 308 25.04 1.93 7.93
CA PRO A 308 25.88 1.55 9.05
C PRO A 308 25.43 0.23 9.67
N CYS A 309 26.39 -0.55 10.16
CA CYS A 309 26.07 -1.72 10.97
C CYS A 309 25.48 -1.28 12.30
N GLY A 310 24.74 -2.20 12.93
CA GLY A 310 24.26 -1.97 14.31
C GLY A 310 23.24 -3.01 14.73
N GLN A 311 23.35 -3.45 15.98
CA GLN A 311 22.43 -4.46 16.53
C GLN A 311 22.20 -4.29 18.02
N LEU A 312 20.98 -4.62 18.45
CA LEU A 312 20.64 -4.64 19.87
C LEU A 312 21.43 -5.72 20.59
N ASN A 313 21.71 -5.48 21.87
CA ASN A 313 22.34 -6.47 22.73
C ASN A 313 21.28 -7.10 23.63
N PRO A 314 20.85 -8.33 23.31
CA PRO A 314 19.79 -9.03 24.05
C PRO A 314 20.13 -9.30 25.51
N THR A 315 21.42 -9.30 25.85
CA THR A 315 21.88 -9.71 27.18
C THR A 315 21.71 -8.63 28.25
N LYS A 316 21.29 -7.43 27.85
CA LYS A 316 21.04 -6.35 28.79
C LYS A 316 19.54 -6.23 29.07
N ASP A 317 19.16 -6.31 30.34
CA ASP A 317 17.75 -6.31 30.72
C ASP A 317 17.07 -4.95 30.54
N GLU A 318 17.82 -3.88 30.74
CA GLU A 318 17.32 -2.51 30.53
C GLU A 318 16.75 -2.34 29.13
N LEU A 319 17.29 -3.09 28.17
CA LEU A 319 16.81 -3.07 26.79
C LEU A 319 15.32 -3.31 26.69
N TYR A 320 14.81 -4.28 27.44
CA TYR A 320 13.41 -4.63 27.34
C TYR A 320 12.51 -3.58 27.98
N GLN A 321 13.07 -2.78 28.88
CA GLN A 321 12.39 -1.62 29.42
C GLN A 321 12.32 -0.49 28.37
N TYR A 322 13.37 -0.37 27.56
CA TYR A 322 13.35 0.54 26.40
C TYR A 322 12.29 0.10 25.40
N LEU A 323 12.37 -1.18 25.01
CA LEU A 323 11.44 -1.78 24.07
C LEU A 323 9.98 -1.63 24.47
N GLU A 324 9.68 -1.96 25.72
CA GLU A 324 8.34 -1.83 26.27
C GLU A 324 7.84 -0.40 26.08
N ASP A 325 8.69 0.58 26.38
CA ASP A 325 8.31 1.98 26.29
C ASP A 325 8.09 2.43 24.84
N ILE A 326 8.99 2.02 23.95
CA ILE A 326 8.86 2.34 22.54
C ILE A 326 7.53 1.78 21.99
N TYR A 327 7.32 0.48 22.19
CA TYR A 327 6.08 -0.16 21.73
C TYR A 327 4.86 0.55 22.31
N SER A 328 4.95 0.93 23.58
CA SER A 328 3.85 1.63 24.27
C SER A 328 3.53 2.95 23.60
N ASP A 329 4.55 3.75 23.33
CA ASP A 329 4.38 5.01 22.63
C ASP A 329 3.81 4.81 21.24
N MET A 330 4.22 3.72 20.58
CA MET A 330 3.67 3.38 19.27
C MET A 330 2.20 2.99 19.38
N ALA A 331 1.89 2.16 20.37
CA ALA A 331 0.52 1.66 20.56
C ALA A 331 -0.46 2.80 20.80
N GLU A 332 -0.02 3.80 21.54
CA GLU A 332 -0.82 4.99 21.82
C GLU A 332 -1.20 5.69 20.52
N VAL A 333 -0.21 5.98 19.67
CA VAL A 333 -0.48 6.79 18.49
C VAL A 333 -0.97 6.01 17.28
N PHE A 334 -0.48 4.80 17.08
CA PHE A 334 -1.00 3.95 16.02
C PHE A 334 -2.10 3.10 16.60
N ASP A 335 -3.27 3.70 16.82
CA ASP A 335 -4.35 3.04 17.55
C ASP A 335 -5.43 2.42 16.67
N THR A 336 -5.21 2.42 15.36
CA THR A 336 -6.12 1.71 14.46
C THR A 336 -5.57 0.35 14.04
N THR A 337 -4.28 0.12 14.29
CA THR A 337 -3.65 -1.12 13.83
C THR A 337 -4.01 -2.35 14.67
N ASP A 338 -4.33 -3.43 13.95
CA ASP A 338 -4.65 -4.72 14.55
C ASP A 338 -3.44 -5.63 14.54
N ILE A 339 -2.35 -5.17 13.92
CA ILE A 339 -1.14 -5.97 13.73
C ILE A 339 0.11 -5.13 14.02
N PHE A 340 1.16 -5.77 14.53
CA PHE A 340 2.42 -5.11 14.80
C PHE A 340 3.53 -5.81 14.04
N HIS A 341 4.39 -5.05 13.37
CA HIS A 341 5.51 -5.61 12.62
C HIS A 341 6.77 -5.48 13.46
N MET A 342 7.41 -6.61 13.76
CA MET A 342 8.60 -6.60 14.62
C MET A 342 9.92 -6.82 13.87
N GLY A 343 9.86 -6.71 12.53
CA GLY A 343 11.05 -6.80 11.70
C GLY A 343 11.64 -8.18 11.57
N GLY A 344 12.84 -8.35 12.13
CA GLY A 344 13.54 -9.64 12.08
C GLY A 344 14.34 -9.84 10.82
N ASP A 345 14.81 -8.75 10.21
CA ASP A 345 15.75 -8.83 9.09
C ASP A 345 17.02 -9.52 9.57
N GLU A 346 17.70 -10.20 8.65
CA GLU A 346 18.85 -11.03 9.03
C GLU A 346 19.77 -10.40 10.06
N VAL A 347 19.91 -11.09 11.18
CA VAL A 347 20.82 -10.70 12.23
C VAL A 347 22.21 -11.17 11.83
N SER A 348 23.21 -10.35 12.13
CA SER A 348 24.59 -10.70 11.87
C SER A 348 25.17 -11.47 13.05
N GLU A 349 25.58 -12.71 12.79
CA GLU A 349 26.23 -13.54 13.81
C GLU A 349 27.59 -12.96 14.18
N ALA A 350 28.30 -12.44 13.17
CA ALA A 350 29.58 -11.75 13.39
C ALA A 350 29.42 -10.58 14.35
N CYS A 351 28.35 -9.82 14.17
CA CYS A 351 28.09 -8.68 15.03
C CYS A 351 27.95 -9.07 16.50
N TRP A 352 27.08 -10.02 16.78
CA TRP A 352 26.88 -10.49 18.15
C TRP A 352 28.13 -11.14 18.72
N ASN A 353 28.93 -11.75 17.85
CA ASN A 353 30.11 -12.47 18.31
C ASN A 353 31.32 -11.57 18.61
N SER A 354 31.23 -10.31 18.22
CA SER A 354 32.34 -9.38 18.45
C SER A 354 32.23 -8.67 19.81
N SER A 355 31.22 -9.03 20.59
CA SER A 355 31.01 -8.42 21.90
C SER A 355 31.37 -9.34 23.07
N ASP A 356 32.04 -8.75 24.06
CA ASP A 356 32.47 -9.46 25.27
C ASP A 356 31.27 -9.86 26.13
N SER A 357 30.39 -8.91 26.39
CA SER A 357 29.17 -9.14 27.18
C SER A 357 28.38 -10.34 26.65
N ILE A 358 28.22 -10.38 25.32
CA ILE A 358 27.41 -11.41 24.66
C ILE A 358 28.04 -12.80 24.79
N GLN A 359 29.33 -12.91 24.48
CA GLN A 359 30.05 -14.18 24.60
C GLN A 359 30.04 -14.71 26.04
N ASN A 360 30.25 -13.82 27.01
CA ASN A 360 30.18 -14.18 28.42
C ASN A 360 28.81 -14.76 28.77
N PHE A 361 27.76 -14.05 28.36
CA PHE A 361 26.37 -14.45 28.59
C PHE A 361 26.08 -15.83 28.00
N MET A 362 26.64 -16.10 26.82
CA MET A 362 26.45 -17.38 26.14
C MET A 362 27.28 -18.50 26.74
N MET A 363 28.44 -18.15 27.29
CA MET A 363 29.27 -19.10 28.04
C MET A 363 28.46 -19.66 29.21
N GLN A 364 27.82 -18.75 29.95
CA GLN A 364 27.09 -19.10 31.17
C GLN A 364 25.86 -19.95 30.91
N ASN A 365 25.24 -19.78 29.75
CA ASN A 365 24.10 -20.61 29.41
C ASN A 365 24.54 -21.92 28.80
N ARG A 366 25.86 -22.12 28.75
CA ARG A 366 26.46 -23.33 28.15
C ARG A 366 26.39 -23.30 26.63
N TRP A 367 25.78 -22.20 26.10
CA TRP A 367 25.61 -22.19 24.65
C TRP A 367 26.98 -21.98 24.08
N ASP A 368 27.16 -22.42 22.85
CA ASP A 368 28.46 -22.28 22.27
C ASP A 368 28.57 -20.99 21.48
N LEU A 369 29.63 -20.87 20.71
CA LEU A 369 29.79 -19.71 19.86
C LEU A 369 29.52 -20.07 18.40
N ASP A 370 28.78 -21.18 18.21
CA ASP A 370 28.34 -21.61 16.87
C ASP A 370 27.03 -20.94 16.43
N LYS A 371 26.48 -21.41 15.32
CA LYS A 371 25.30 -20.81 14.68
C LYS A 371 24.01 -20.99 15.46
N GLU A 372 23.69 -22.24 15.82
CA GLU A 372 22.42 -22.59 16.47
C GLU A 372 22.27 -21.85 17.81
N SER A 373 23.40 -21.53 18.43
CA SER A 373 23.41 -20.81 19.69
C SER A 373 23.05 -19.33 19.52
N PHE A 374 23.55 -18.71 18.44
CA PHE A 374 23.16 -17.34 18.12
C PHE A 374 21.71 -17.28 17.68
N LEU A 375 21.23 -18.38 17.13
CA LEU A 375 19.81 -18.54 16.86
C LEU A 375 19.01 -18.62 18.16
N LYS A 376 19.63 -19.22 19.20
CA LYS A 376 19.02 -19.27 20.53
C LYS A 376 18.96 -17.90 21.19
N LEU A 377 20.04 -17.13 21.01
CA LEU A 377 20.08 -15.76 21.52
C LEU A 377 18.98 -14.92 20.85
N TRP A 378 18.87 -15.05 19.53
CA TRP A 378 17.82 -14.36 18.78
C TRP A 378 16.44 -14.74 19.29
N ASN A 379 16.19 -16.04 19.49
CA ASN A 379 14.90 -16.51 20.01
C ASN A 379 14.59 -15.95 21.38
N TYR A 380 15.61 -15.91 22.25
CA TYR A 380 15.52 -15.32 23.57
C TYR A 380 15.09 -13.87 23.46
N PHE A 381 15.77 -13.13 22.59
CA PHE A 381 15.39 -11.75 22.31
C PHE A 381 13.93 -11.63 21.88
N GLN A 382 13.55 -12.42 20.87
CA GLN A 382 12.22 -12.30 20.27
C GLN A 382 11.10 -12.64 21.25
N GLN A 383 11.31 -13.66 22.07
CA GLN A 383 10.35 -14.03 23.11
C GLN A 383 10.11 -12.89 24.08
N LYS A 384 11.19 -12.22 24.51
CA LYS A 384 11.06 -11.11 25.44
C LYS A 384 10.48 -9.86 24.79
N ALA A 385 10.95 -9.54 23.58
CA ALA A 385 10.41 -8.43 22.80
C ALA A 385 8.91 -8.60 22.58
N GLN A 386 8.53 -9.81 22.19
CA GLN A 386 7.13 -10.20 21.98
C GLN A 386 6.26 -9.97 23.22
N ASP A 387 6.76 -10.40 24.38
CA ASP A 387 6.05 -10.18 25.65
C ASP A 387 5.79 -8.69 25.87
N LYS A 388 6.81 -7.88 25.61
CA LYS A 388 6.70 -6.43 25.79
C LYS A 388 5.76 -5.79 24.77
N ALA A 389 5.69 -6.34 23.56
CA ALA A 389 4.75 -5.86 22.55
C ALA A 389 3.31 -6.15 22.96
N TYR A 390 3.06 -7.36 23.46
CA TYR A 390 1.75 -7.75 23.94
C TYR A 390 1.29 -6.84 25.08
N LYS A 391 2.21 -6.51 25.97
CA LYS A 391 1.91 -5.60 27.08
C LYS A 391 1.57 -4.21 26.54
N ALA A 392 2.41 -3.70 25.64
CA ALA A 392 2.25 -2.35 25.11
C ALA A 392 0.93 -2.15 24.37
N PHE A 393 0.53 -3.13 23.58
CA PHE A 393 -0.75 -3.04 22.87
C PHE A 393 -1.94 -3.47 23.74
N GLY A 394 -1.64 -3.91 24.96
CA GLY A 394 -2.67 -4.26 25.94
C GLY A 394 -3.41 -5.54 25.64
N LYS A 395 -2.86 -6.36 24.74
CA LYS A 395 -3.47 -7.61 24.32
C LYS A 395 -2.50 -8.36 23.41
N LYS A 396 -2.77 -9.64 23.16
CA LYS A 396 -2.05 -10.37 22.13
C LYS A 396 -2.64 -10.01 20.78
N LEU A 397 -1.77 -9.66 19.84
CA LEU A 397 -2.16 -9.32 18.48
C LEU A 397 -1.17 -9.96 17.52
N PRO A 398 -1.58 -10.19 16.25
CA PRO A 398 -0.65 -10.84 15.31
C PRO A 398 0.62 -10.03 15.10
N LEU A 399 1.75 -10.72 15.06
CA LEU A 399 3.03 -10.07 14.81
C LEU A 399 3.57 -10.49 13.45
N ILE A 400 4.25 -9.58 12.78
CA ILE A 400 4.87 -9.89 11.48
C ILE A 400 6.39 -9.93 11.59
N LEU A 401 6.99 -10.97 11.00
CA LEU A 401 8.45 -11.06 10.84
C LEU A 401 8.81 -11.35 9.39
N TRP A 402 9.98 -10.88 8.97
CA TRP A 402 10.51 -11.17 7.65
C TRP A 402 11.04 -12.60 7.56
N THR A 403 11.13 -13.15 6.36
CA THR A 403 11.87 -14.38 6.16
C THR A 403 13.33 -14.10 6.46
N SER A 404 13.96 -15.05 7.14
CA SER A 404 15.31 -14.90 7.68
C SER A 404 15.74 -16.30 8.10
N THR A 405 16.95 -16.43 8.63
CA THR A 405 17.41 -17.73 9.11
C THR A 405 16.60 -18.21 10.31
N LEU A 406 16.00 -17.25 11.04
CA LEU A 406 15.13 -17.59 12.16
C LEU A 406 13.83 -18.21 11.67
N THR A 407 13.35 -17.74 10.51
CA THR A 407 12.05 -18.15 9.99
C THR A 407 12.13 -19.31 9.00
N ASN A 408 13.33 -19.86 8.80
CA ASN A 408 13.50 -21.06 7.99
C ASN A 408 12.49 -22.10 8.43
N TYR A 409 11.65 -22.54 7.48
CA TYR A 409 10.52 -23.42 7.77
C TYR A 409 10.93 -24.73 8.46
N LYS A 410 12.18 -25.12 8.28
CA LYS A 410 12.70 -26.35 8.88
C LYS A 410 12.68 -26.30 10.41
N HIS A 411 13.17 -25.19 10.98
CA HIS A 411 13.22 -25.05 12.44
C HIS A 411 12.25 -24.01 13.03
N ILE A 412 11.48 -23.34 12.17
CA ILE A 412 10.64 -22.21 12.60
C ILE A 412 9.75 -22.50 13.82
N ASP A 413 9.23 -23.72 13.92
CA ASP A 413 8.32 -24.07 15.01
C ASP A 413 9.00 -24.25 16.38
N ASP A 414 10.34 -24.30 16.39
CA ASP A 414 11.08 -24.22 17.65
C ASP A 414 10.83 -22.85 18.27
N TYR A 415 10.73 -21.84 17.41
CA TYR A 415 10.78 -20.45 17.81
C TYR A 415 9.41 -19.78 17.82
N LEU A 416 8.73 -19.77 16.68
CA LEU A 416 7.43 -19.14 16.59
C LEU A 416 6.32 -20.18 16.52
N ASN A 417 5.09 -19.70 16.36
CA ASN A 417 3.97 -20.55 16.00
C ASN A 417 3.14 -19.83 14.95
N LYS A 418 2.34 -20.57 14.19
CA LYS A 418 1.64 -20.00 13.04
C LYS A 418 0.43 -19.15 13.40
N ASP A 419 -0.04 -19.25 14.64
CA ASP A 419 -1.18 -18.44 15.07
C ASP A 419 -0.77 -17.03 15.47
N ASP A 420 0.44 -16.89 15.99
CA ASP A 420 0.91 -15.62 16.52
C ASP A 420 1.78 -14.86 15.53
N TYR A 421 2.31 -15.55 14.53
CA TYR A 421 3.27 -14.96 13.61
C TYR A 421 2.90 -15.08 12.14
N ILE A 422 2.89 -13.93 11.47
CA ILE A 422 2.71 -13.85 10.02
C ILE A 422 4.08 -13.56 9.41
N ILE A 423 4.38 -14.20 8.29
CA ILE A 423 5.70 -14.06 7.67
C ILE A 423 5.66 -13.27 6.37
N GLN A 424 6.37 -12.14 6.35
CA GLN A 424 6.53 -11.35 5.13
C GLN A 424 7.67 -11.94 4.29
N VAL A 425 7.35 -12.28 3.06
CA VAL A 425 8.28 -13.01 2.18
C VAL A 425 8.94 -12.05 1.19
N TRP A 426 10.26 -11.87 1.33
CA TRP A 426 11.04 -11.08 0.39
C TRP A 426 11.95 -11.93 -0.51
N THR A 427 11.83 -13.26 -0.43
CA THR A 427 12.58 -14.14 -1.33
C THR A 427 11.95 -14.06 -2.73
N THR A 428 12.45 -14.86 -3.68
CA THR A 428 11.80 -15.00 -4.98
C THR A 428 10.54 -15.84 -4.80
N GLY A 429 9.62 -15.76 -5.75
CA GLY A 429 8.37 -16.55 -5.70
C GLY A 429 8.59 -18.03 -5.97
N VAL A 430 9.77 -18.35 -6.50
CA VAL A 430 10.12 -19.71 -6.88
C VAL A 430 10.94 -20.40 -5.78
N ASP A 431 11.20 -19.67 -4.69
CA ASP A 431 11.98 -20.14 -3.54
C ASP A 431 11.23 -21.21 -2.75
N PRO A 432 11.92 -22.33 -2.41
CA PRO A 432 11.37 -23.46 -1.65
C PRO A 432 10.87 -23.12 -0.25
N GLN A 433 11.41 -22.04 0.33
CA GLN A 433 10.98 -21.56 1.64
C GLN A 433 9.48 -21.29 1.71
N ILE A 434 8.92 -20.82 0.60
CA ILE A 434 7.50 -20.50 0.51
C ILE A 434 6.62 -21.75 0.69
N LYS A 435 6.92 -22.81 -0.06
CA LYS A 435 6.18 -24.06 0.06
C LYS A 435 6.39 -24.73 1.43
N GLY A 436 7.61 -24.63 1.95
CA GLY A 436 7.89 -25.11 3.29
C GLY A 436 7.01 -24.44 4.34
N LEU A 437 7.00 -23.12 4.31
CA LEU A 437 6.23 -22.31 5.26
C LEU A 437 4.73 -22.60 5.14
N LEU A 438 4.24 -22.64 3.90
CA LEU A 438 2.84 -22.92 3.64
C LEU A 438 2.44 -24.30 4.13
N GLU A 439 3.26 -25.31 3.83
CA GLU A 439 3.02 -26.68 4.30
C GLU A 439 3.02 -26.77 5.82
N LYS A 440 3.74 -25.86 6.47
CA LYS A 440 3.79 -25.84 7.93
C LYS A 440 2.70 -24.98 8.58
N GLY A 441 1.80 -24.46 7.75
CA GLY A 441 0.61 -23.73 8.24
C GLY A 441 0.72 -22.22 8.31
N TYR A 442 1.89 -21.67 8.00
CA TYR A 442 2.12 -20.24 8.17
C TYR A 442 1.42 -19.35 7.14
N ARG A 443 1.08 -18.14 7.55
CA ARG A 443 0.47 -17.16 6.65
C ARG A 443 1.52 -16.22 6.09
N LEU A 444 1.33 -15.83 4.83
CA LEU A 444 2.33 -15.03 4.14
C LEU A 444 1.82 -13.68 3.67
N ILE A 445 2.71 -12.70 3.71
CA ILE A 445 2.52 -11.46 2.98
C ILE A 445 3.61 -11.44 1.92
N MET A 446 3.19 -11.45 0.66
CA MET A 446 4.13 -11.52 -0.45
C MET A 446 4.73 -10.16 -0.76
N SER A 447 6.03 -10.02 -0.48
CA SER A 447 6.80 -8.86 -0.91
C SER A 447 8.02 -9.33 -1.71
N ASN A 448 7.85 -10.41 -2.47
CA ASN A 448 8.97 -11.06 -3.18
C ASN A 448 9.79 -10.06 -4.00
N TYR A 449 11.11 -10.08 -3.81
CA TYR A 449 11.96 -9.00 -4.28
C TYR A 449 12.14 -8.90 -5.80
N ASP A 450 11.91 -10.00 -6.51
CA ASP A 450 12.06 -9.96 -7.96
C ASP A 450 10.90 -9.25 -8.65
N ALA A 451 9.76 -9.16 -7.95
CA ALA A 451 8.59 -8.49 -8.52
C ALA A 451 8.10 -7.27 -7.73
N LEU A 452 8.42 -7.22 -6.43
CA LEU A 452 7.83 -6.22 -5.51
C LEU A 452 8.76 -5.20 -4.81
N TYR A 453 10.04 -5.18 -5.16
CA TYR A 453 10.95 -4.18 -4.58
C TYR A 453 11.06 -2.97 -5.49
N PHE A 454 10.46 -1.85 -5.06
CA PHE A 454 10.30 -0.68 -5.92
C PHE A 454 11.52 0.24 -5.93
N ASP A 455 12.54 -0.13 -5.16
CA ASP A 455 13.80 0.62 -5.09
C ASP A 455 14.84 0.09 -6.08
N CYS A 456 14.59 -1.09 -6.64
CA CYS A 456 15.53 -1.74 -7.54
C CYS A 456 15.71 -0.95 -8.83
N GLY A 457 16.92 -1.00 -9.38
CA GLY A 457 17.15 -0.57 -10.75
C GLY A 457 18.00 0.67 -10.93
N TYR A 458 18.20 1.44 -9.87
CA TYR A 458 18.94 2.70 -9.98
C TYR A 458 20.44 2.52 -9.83
N GLY A 459 21.16 3.63 -9.78
CA GLY A 459 22.60 3.60 -9.58
C GLY A 459 22.95 3.00 -8.23
N ALA A 460 24.19 2.56 -8.07
CA ALA A 460 24.65 2.07 -6.78
C ALA A 460 24.73 3.22 -5.80
N TRP A 461 24.38 2.98 -4.54
CA TRP A 461 24.58 3.99 -3.50
C TRP A 461 25.88 3.75 -2.72
N VAL A 462 26.51 2.60 -2.98
CA VAL A 462 27.88 2.34 -2.57
C VAL A 462 28.65 1.78 -3.76
N GLY A 463 29.81 2.37 -4.05
CA GLY A 463 30.56 2.03 -5.25
C GLY A 463 29.87 2.58 -6.48
N ALA A 464 30.13 1.97 -7.63
CA ALA A 464 29.53 2.36 -8.90
C ALA A 464 28.68 1.21 -9.44
N GLY A 465 28.11 1.38 -10.64
CA GLY A 465 27.23 0.37 -11.22
C GLY A 465 25.78 0.61 -10.85
N ASN A 466 25.03 -0.47 -10.61
CA ASN A 466 23.61 -0.37 -10.26
C ASN A 466 23.32 -0.97 -8.89
N ASN A 467 22.16 -0.64 -8.31
CA ASN A 467 21.84 -1.13 -6.96
C ASN A 467 21.53 -2.63 -6.89
N TRP A 468 21.61 -3.21 -5.70
CA TRP A 468 21.72 -4.68 -5.53
C TRP A 468 20.66 -5.51 -6.29
N CYS A 469 19.41 -5.07 -6.24
CA CYS A 469 18.31 -5.87 -6.79
C CYS A 469 17.88 -5.44 -8.21
N SER A 470 18.72 -4.64 -8.86
CA SER A 470 18.55 -4.30 -10.27
C SER A 470 18.43 -5.58 -11.10
N PRO A 471 17.70 -5.55 -12.23
CA PRO A 471 17.11 -4.40 -12.94
C PRO A 471 15.83 -3.84 -12.31
N TYR A 472 15.47 -2.63 -12.76
CA TYR A 472 14.23 -1.96 -12.41
C TYR A 472 13.01 -2.82 -12.78
N ILE A 473 12.01 -2.84 -11.90
CA ILE A 473 10.82 -3.67 -12.10
C ILE A 473 9.66 -2.85 -12.65
N GLY A 474 9.32 -3.07 -13.91
CA GLY A 474 8.19 -2.40 -14.55
C GLY A 474 6.86 -2.94 -14.04
N TRP A 475 5.79 -2.15 -14.24
CA TRP A 475 4.47 -2.50 -13.74
C TRP A 475 4.00 -3.86 -14.28
N GLN A 476 4.54 -4.25 -15.44
CA GLN A 476 4.17 -5.51 -16.07
C GLN A 476 4.52 -6.69 -15.17
N LYS A 477 5.76 -6.70 -14.70
CA LYS A 477 6.28 -7.72 -13.81
C LYS A 477 5.50 -7.76 -12.50
N VAL A 478 5.14 -6.59 -11.96
CA VAL A 478 4.39 -6.55 -10.70
C VAL A 478 2.92 -6.97 -10.90
N TYR A 479 2.38 -6.73 -12.09
CA TYR A 479 1.02 -7.18 -12.41
C TYR A 479 0.94 -8.70 -12.53
N ASP A 480 1.85 -9.30 -13.31
CA ASP A 480 1.79 -10.74 -13.57
C ASP A 480 2.18 -11.61 -12.39
N ASN A 481 2.81 -11.00 -11.38
CA ASN A 481 3.25 -11.73 -10.19
C ASN A 481 2.05 -12.10 -9.33
N SER A 482 1.74 -13.39 -9.29
CA SER A 482 0.48 -13.84 -8.71
C SER A 482 0.71 -14.68 -7.46
N PRO A 483 0.23 -14.19 -6.30
CA PRO A 483 0.34 -15.01 -5.11
C PRO A 483 -0.43 -16.34 -5.23
N ALA A 484 -1.51 -16.34 -6.01
CA ALA A 484 -2.27 -17.58 -6.26
C ALA A 484 -1.44 -18.63 -7.00
N VAL A 485 -0.60 -18.18 -7.94
CA VAL A 485 0.30 -19.08 -8.66
C VAL A 485 1.44 -19.54 -7.74
N ILE A 486 1.91 -18.63 -6.88
CA ILE A 486 3.01 -18.89 -5.95
C ILE A 486 2.63 -19.87 -4.83
N ALA A 487 1.44 -19.68 -4.27
CA ALA A 487 0.98 -20.45 -3.12
C ALA A 487 0.13 -21.66 -3.51
N LEU A 488 -0.35 -21.67 -4.75
CA LEU A 488 -1.15 -22.79 -5.23
C LEU A 488 -2.26 -23.10 -4.23
N GLU A 489 -2.54 -24.38 -4.03
CA GLU A 489 -3.64 -24.85 -3.20
C GLU A 489 -3.72 -24.24 -1.78
N HIS A 490 -2.59 -23.75 -1.27
CA HIS A 490 -2.52 -23.14 0.06
C HIS A 490 -2.84 -21.65 0.06
N ARG A 491 -3.35 -21.13 -1.06
CA ARG A 491 -3.51 -19.68 -1.27
C ARG A 491 -4.32 -18.93 -0.20
N ASP A 492 -5.18 -19.61 0.53
CA ASP A 492 -5.94 -18.94 1.60
C ASP A 492 -5.00 -18.49 2.73
N GLN A 493 -3.87 -19.15 2.86
CA GLN A 493 -2.86 -18.76 3.82
C GLN A 493 -2.12 -17.49 3.42
N VAL A 494 -2.17 -17.12 2.14
CA VAL A 494 -1.65 -15.84 1.70
C VAL A 494 -2.62 -14.73 2.09
N LEU A 495 -2.16 -13.82 2.94
CA LEU A 495 -3.00 -12.71 3.40
C LEU A 495 -3.04 -11.60 2.36
N GLY A 496 -2.06 -11.58 1.48
CA GLY A 496 -1.99 -10.58 0.43
C GLY A 496 -0.56 -10.26 0.06
N GLY A 497 -0.32 -9.02 -0.33
CA GLY A 497 1.00 -8.59 -0.79
C GLY A 497 1.33 -7.16 -0.42
N GLU A 498 2.60 -6.79 -0.62
CA GLU A 498 3.06 -5.47 -0.26
C GLU A 498 4.19 -5.01 -1.18
N ALA A 499 4.01 -3.82 -1.77
CA ALA A 499 5.09 -3.21 -2.53
C ALA A 499 6.04 -2.56 -1.53
N ALA A 500 7.32 -2.90 -1.62
CA ALA A 500 8.30 -2.38 -0.69
C ALA A 500 9.10 -1.24 -1.32
N LEU A 501 9.03 -0.07 -0.72
CA LEU A 501 9.91 1.03 -1.10
C LEU A 501 10.96 1.27 -0.02
N TRP A 502 12.11 0.63 -0.18
CA TRP A 502 13.25 0.90 0.68
C TRP A 502 13.86 2.22 0.25
N SER A 503 14.32 2.99 1.24
CA SER A 503 14.57 4.41 1.00
C SER A 503 16.02 4.85 0.99
N GLU A 504 16.95 3.91 0.82
CA GLU A 504 18.37 4.25 0.70
C GLU A 504 18.55 5.29 -0.40
N GLN A 505 17.79 5.10 -1.48
CA GLN A 505 17.84 5.99 -2.64
C GLN A 505 16.49 6.65 -2.95
N SER A 506 15.66 6.82 -1.92
CA SER A 506 14.36 7.45 -2.11
C SER A 506 13.97 8.31 -0.92
N ASP A 507 13.29 9.43 -1.20
CA ASP A 507 12.78 10.30 -0.15
C ASP A 507 11.52 11.06 -0.60
N THR A 508 11.19 12.12 0.14
CA THR A 508 10.08 13.02 -0.17
C THR A 508 9.97 13.35 -1.67
N SER A 509 11.11 13.62 -2.29
CA SER A 509 11.14 14.08 -3.67
C SER A 509 10.83 13.00 -4.71
N THR A 510 11.25 11.77 -4.42
CA THR A 510 11.18 10.66 -5.39
C THR A 510 9.98 9.74 -5.21
N LEU A 511 9.21 9.96 -4.16
CA LEU A 511 8.22 8.99 -3.70
C LEU A 511 7.03 8.74 -4.65
N ASP A 512 6.43 9.81 -5.17
CA ASP A 512 5.34 9.71 -6.14
C ASP A 512 5.72 8.81 -7.32
N GLY A 513 6.92 9.02 -7.86
CA GLY A 513 7.40 8.24 -8.99
C GLY A 513 7.72 6.80 -8.63
N ARG A 514 8.18 6.59 -7.40
CA ARG A 514 8.58 5.26 -6.94
C ARG A 514 7.37 4.35 -6.81
N LEU A 515 6.28 4.88 -6.26
CA LEU A 515 5.08 4.09 -6.01
C LEU A 515 4.14 4.03 -7.20
N TRP A 516 4.04 5.14 -7.92
CA TRP A 516 2.95 5.33 -8.88
C TRP A 516 3.40 5.39 -10.35
N PRO A 517 2.72 4.62 -11.22
CA PRO A 517 1.55 3.83 -10.82
C PRO A 517 1.78 2.32 -10.66
N ARG A 518 2.98 1.89 -10.27
CA ARG A 518 3.25 0.45 -10.16
C ARG A 518 2.44 -0.21 -9.04
N ALA A 519 2.23 0.56 -7.96
CA ALA A 519 1.42 0.10 -6.84
C ALA A 519 -0.01 -0.21 -7.28
N ALA A 520 -0.51 0.52 -8.28
CA ALA A 520 -1.82 0.23 -8.86
C ALA A 520 -1.85 -1.17 -9.50
N ALA A 521 -0.74 -1.58 -10.12
CA ALA A 521 -0.63 -2.94 -10.63
C ALA A 521 -0.81 -3.95 -9.51
N LEU A 522 -0.08 -3.76 -8.41
CA LEU A 522 -0.24 -4.62 -7.23
C LEU A 522 -1.67 -4.56 -6.70
N ALA A 523 -2.24 -3.35 -6.69
CA ALA A 523 -3.61 -3.13 -6.22
C ALA A 523 -4.61 -4.04 -6.93
N GLU A 524 -4.55 -4.07 -8.27
CA GLU A 524 -5.46 -4.93 -9.03
C GLU A 524 -5.13 -6.42 -8.87
N ARG A 525 -3.84 -6.76 -8.84
CA ARG A 525 -3.45 -8.15 -8.62
C ARG A 525 -4.06 -8.69 -7.34
N LEU A 526 -3.95 -7.89 -6.28
CA LEU A 526 -4.45 -8.29 -4.97
C LEU A 526 -5.96 -8.18 -4.86
N TRP A 527 -6.55 -7.18 -5.50
CA TRP A 527 -7.98 -6.99 -5.42
C TRP A 527 -8.76 -8.03 -6.25
N ALA A 528 -8.31 -8.27 -7.49
CA ALA A 528 -9.07 -9.14 -8.40
C ALA A 528 -8.45 -10.51 -8.71
N GLU A 529 -7.18 -10.71 -8.37
CA GLU A 529 -6.41 -11.89 -8.85
C GLU A 529 -6.78 -12.35 -10.26
N PRO A 530 -6.65 -11.45 -11.26
CA PRO A 530 -7.14 -11.83 -12.58
C PRO A 530 -6.34 -12.96 -13.19
N ALA A 531 -7.02 -13.87 -13.88
CA ALA A 531 -6.36 -14.95 -14.63
C ALA A 531 -5.70 -14.38 -15.88
N THR A 532 -6.15 -13.18 -16.26
CA THR A 532 -5.59 -12.46 -17.39
C THR A 532 -4.26 -11.79 -17.00
N SER A 533 -3.43 -11.52 -18.00
CA SER A 533 -2.11 -10.93 -17.78
C SER A 533 -2.12 -9.42 -17.98
N TRP A 534 -0.94 -8.80 -17.90
CA TRP A 534 -0.82 -7.34 -17.92
C TRP A 534 -1.31 -6.68 -19.21
N GLN A 535 -1.09 -7.33 -20.36
CA GLN A 535 -1.52 -6.77 -21.64
C GLN A 535 -3.02 -6.52 -21.69
N ASP A 536 -3.79 -7.39 -21.01
CA ASP A 536 -5.23 -7.22 -20.92
C ASP A 536 -5.61 -6.04 -20.02
N ALA A 537 -4.68 -5.61 -19.17
CA ALA A 537 -4.94 -4.48 -18.26
C ALA A 537 -4.29 -3.18 -18.71
N GLU A 538 -3.49 -3.26 -19.79
CA GLU A 538 -2.66 -2.14 -20.26
C GLU A 538 -3.39 -0.81 -20.40
N TYR A 539 -4.44 -0.77 -21.23
CA TYR A 539 -5.16 0.47 -21.51
C TYR A 539 -5.64 1.14 -20.24
N ARG A 540 -6.27 0.36 -19.36
CA ARG A 540 -6.77 0.86 -18.08
C ARG A 540 -5.64 1.33 -17.16
N MET A 541 -4.47 0.70 -17.27
CA MET A 541 -3.30 1.11 -16.50
C MET A 541 -2.83 2.51 -16.94
N LEU A 542 -2.82 2.74 -18.25
CA LEU A 542 -2.52 4.06 -18.79
C LEU A 542 -3.49 5.12 -18.30
N HIS A 543 -4.79 4.80 -18.28
CA HIS A 543 -5.74 5.76 -17.73
C HIS A 543 -5.50 6.04 -16.25
N ILE A 544 -5.39 4.99 -15.44
CA ILE A 544 -5.20 5.19 -14.00
C ILE A 544 -3.96 6.05 -13.70
N ARG A 545 -2.90 5.88 -14.49
CA ARG A 545 -1.73 6.74 -14.43
C ARG A 545 -2.13 8.21 -14.61
N GLU A 546 -2.92 8.50 -15.65
CA GLU A 546 -3.40 9.86 -15.87
C GLU A 546 -4.24 10.36 -14.68
N ARG A 547 -5.04 9.48 -14.09
CA ARG A 547 -5.85 9.85 -12.93
C ARG A 547 -4.97 10.26 -11.74
N PHE A 548 -3.90 9.51 -11.51
CA PHE A 548 -2.92 9.85 -10.47
C PHE A 548 -2.34 11.24 -10.72
N VAL A 549 -1.89 11.50 -11.94
CA VAL A 549 -1.33 12.82 -12.28
C VAL A 549 -2.35 13.93 -12.02
N ARG A 550 -3.61 13.67 -12.39
CA ARG A 550 -4.68 14.62 -12.12
C ARG A 550 -4.84 14.88 -10.61
N MET A 551 -4.68 13.84 -9.80
CA MET A 551 -4.73 13.97 -8.34
C MET A 551 -3.59 14.80 -7.73
N GLY A 552 -2.58 15.14 -8.54
CA GLY A 552 -1.43 15.89 -8.05
C GLY A 552 -0.22 15.02 -7.79
N ILE A 553 -0.38 13.71 -7.98
CA ILE A 553 0.71 12.74 -7.86
C ILE A 553 1.65 12.88 -9.05
N GLN A 554 2.95 12.89 -8.78
CA GLN A 554 3.95 12.91 -9.85
C GLN A 554 4.26 11.49 -10.24
N ALA A 555 3.34 10.85 -10.96
CA ALA A 555 3.50 9.43 -11.28
C ALA A 555 4.44 9.24 -12.44
N GLU A 556 5.17 8.13 -12.42
CA GLU A 556 5.99 7.73 -13.55
C GLU A 556 5.18 7.68 -14.83
N SER A 557 5.83 8.06 -15.93
CA SER A 557 5.23 7.96 -17.23
C SER A 557 5.54 6.57 -17.77
N LEU A 558 4.50 5.86 -18.21
CA LEU A 558 4.67 4.50 -18.72
C LEU A 558 4.99 4.48 -20.20
N GLN A 559 4.23 5.25 -20.97
CA GLN A 559 4.27 5.21 -22.43
C GLN A 559 4.06 6.61 -22.99
N PRO A 560 4.38 6.81 -24.29
CA PRO A 560 4.01 8.08 -24.90
C PRO A 560 2.49 8.25 -24.89
N GLU A 561 2.04 9.45 -24.56
CA GLU A 561 0.62 9.75 -24.56
C GLU A 561 -0.01 9.38 -25.89
N TRP A 562 0.77 9.45 -26.97
CA TRP A 562 0.30 9.03 -28.29
C TRP A 562 -0.26 7.61 -28.26
N CYS A 563 0.42 6.71 -27.55
CA CYS A 563 -0.04 5.33 -27.41
C CYS A 563 -1.42 5.28 -26.76
N TYR A 564 -1.57 6.03 -25.66
CA TYR A 564 -2.85 6.18 -24.96
C TYR A 564 -3.97 6.67 -25.89
N GLN A 565 -3.62 7.58 -26.81
CA GLN A 565 -4.60 8.14 -27.74
C GLN A 565 -4.80 7.27 -28.97
N ASN A 566 -3.85 6.38 -29.23
CA ASN A 566 -3.95 5.47 -30.35
C ASN A 566 -3.72 4.03 -29.93
N GLU A 567 -4.78 3.38 -29.45
CA GLU A 567 -4.67 2.02 -28.91
C GLU A 567 -4.40 0.99 -30.01
N GLY A 568 -3.45 0.10 -29.74
CA GLY A 568 -3.12 -0.97 -30.66
C GLY A 568 -1.89 -0.71 -31.51
N TYR A 569 -1.46 0.55 -31.61
CA TYR A 569 -0.31 0.89 -32.45
C TYR A 569 1.04 0.75 -31.75
N CYS A 570 1.05 0.68 -30.42
CA CYS A 570 2.26 0.44 -29.66
C CYS A 570 2.20 -0.96 -29.05
N TYR A 571 3.04 -1.87 -29.54
CA TYR A 571 3.01 -3.28 -29.13
C TYR A 571 4.36 -3.95 -29.40
N SER A 572 4.62 -5.05 -28.71
CA SER A 572 5.83 -5.85 -28.91
C SER A 572 5.73 -7.20 -28.22
C1 NAG B . 30.42 -9.38 -2.84
C2 NAG B . 29.76 -8.20 -3.57
C3 NAG B . 28.45 -8.64 -4.21
C4 NAG B . 27.78 -9.81 -3.50
C5 NAG B . 28.70 -10.98 -3.23
C6 NAG B . 28.26 -12.14 -4.12
C7 NAG B . 30.24 -6.06 -2.55
C8 NAG B . 29.89 -5.00 -1.55
N2 NAG B . 29.47 -7.15 -2.61
O1 NAG B . 31.86 -9.22 -2.88
O3 NAG B . 28.70 -9.03 -5.57
O4 NAG B . 27.27 -9.38 -2.25
O5 NAG B . 30.06 -10.61 -3.51
O6 NAG B . 29.19 -13.26 -3.98
O7 NAG B . 31.20 -5.92 -3.31
C1 NAG B . 26.36 -8.33 -2.43
C2 NAG B . 24.98 -8.97 -2.26
C3 NAG B . 23.90 -7.95 -1.95
C4 NAG B . 24.34 -6.99 -0.85
C5 NAG B . 25.73 -6.39 -1.11
C6 NAG B . 26.22 -5.61 0.11
C7 NAG B . 24.43 -10.82 -3.77
C8 NAG B . 24.04 -11.24 -5.16
N2 NAG B . 24.60 -9.51 -3.58
O3 NAG B . 22.75 -8.65 -1.52
O4 NAG B . 23.42 -5.93 -0.91
O5 NAG B . 26.69 -7.41 -1.39
O6 NAG B . 26.62 -6.53 1.16
O7 NAG B . 24.60 -11.64 -2.88
C1 NAG B . 22.51 -5.90 0.17
C2 NAG B . 21.94 -4.49 0.15
C3 NAG B . 20.88 -4.38 1.24
C4 NAG B . 19.82 -5.47 1.10
C5 NAG B . 20.47 -6.86 0.98
C6 NAG B . 19.47 -7.95 0.65
C7 NAG B . 23.74 -2.82 -0.31
C8 NAG B . 23.38 -2.81 -1.76
N2 NAG B . 23.05 -3.60 0.53
O3 NAG B . 20.28 -3.08 1.19
O4 NAG B . 19.04 -5.38 2.29
O5 NAG B . 21.45 -6.85 -0.05
O6 NAG B . 20.11 -9.22 0.74
O7 NAG B . 24.65 -2.11 0.10
C1 TMX B . 17.64 -5.62 2.16
C2 TMX B . 17.01 -5.31 3.54
N2 TMX B . 15.92 -6.27 3.88
C3 TMX B . 16.58 -3.84 3.69
O3 TMX B . 17.08 -3.31 4.92
C4 TMX B . 17.09 -3.00 2.53
O4 TMX B . 16.62 -1.65 2.69
C5 TMX B . 16.56 -3.60 1.24
O5 TMX B . 17.06 -4.93 1.04
C6 TMX B . 16.95 -2.75 0.04
O6 TMX B . 16.52 -3.40 -1.17
C7 TMX B . 16.48 -7.64 3.96
C8 TMX B . 14.80 -6.30 2.92
C9 TMX B . 15.37 -5.96 5.22
C1 NAG C . -32.64 3.13 -5.97
C2 NAG C . -34.01 2.87 -5.36
C3 NAG C . -33.98 1.63 -4.48
C4 NAG C . -33.33 0.47 -5.24
C5 NAG C . -31.94 0.86 -5.75
C6 NAG C . -31.29 -0.24 -6.58
C7 NAG C . -34.81 5.19 -5.23
C8 NAG C . -35.03 6.43 -4.35
N2 NAG C . -34.30 4.10 -4.64
O3 NAG C . -35.29 1.26 -4.10
O4 NAG C . -33.28 -0.67 -4.40
O5 NAG C . -32.05 2.00 -6.59
O6 NAG C . -32.18 -0.64 -7.63
O7 NAG C . -35.11 5.21 -6.45
C1 NAG D . 33.66 -16.16 17.26
C2 NAG D . 33.59 -17.48 16.49
C3 NAG D . 34.20 -18.65 17.24
C4 NAG D . 35.58 -18.25 17.75
C5 NAG D . 35.39 -17.11 18.75
C6 NAG D . 36.72 -16.67 19.36
C7 NAG D . 31.63 -17.42 14.97
C8 NAG D . 30.15 -17.96 14.69
N2 NAG D . 32.23 -17.86 16.08
O3 NAG D . 34.30 -19.77 16.38
O4 NAG D . 36.21 -19.36 18.35
O5 NAG D . 34.79 -15.98 18.13
O6 NAG D . 36.71 -15.27 19.59
O7 NAG D . 32.21 -16.60 14.19
#